data_7O3F
#
_entry.id   7O3F
#
_cell.length_a   82.616
_cell.length_b   112.690
_cell.length_c   62.647
_cell.angle_alpha   90.000
_cell.angle_beta   90.000
_cell.angle_gamma   90.000
#
_symmetry.space_group_name_H-M   'C 2 2 21'
#
loop_
_entity.id
_entity.type
_entity.pdbx_description
1 polymer '14-3-3 protein sigma'
2 polymer 'Transcription factor p65'
3 non-polymer 1-methyl-4-(4-methylphenyl)sulfonyl-1,4-diazepane
4 non-polymer 'CHLORIDE ION'
5 non-polymer 'MAGNESIUM ION'
6 non-polymer GLYCEROL
7 water water
#
loop_
_entity_poly.entity_id
_entity_poly.type
_entity_poly.pdbx_seq_one_letter_code
_entity_poly.pdbx_strand_id
1 'polypeptide(L)'
;GAMGSMERASLIQKAKLAEQAERYEDMAAFMKGAVEKGEELS(CSO)EERNLLSVAYKNVVGGQRAAWRVLSSIEQKSNE
EGSEEKGPEVREYREKVETELQGVCDTVLGLLDSHLIKEAGDAESRVFYLKMKGDYYRYLAEVATGDDKKRIIDSARSAY
QEAMDISKKEMPPTNPIRLGLALNFSVFHYEIANSPEEAISLAKTTFDEAMADLHTLSEDSYKDSTLIMQLLRDNLTLWT
;
A
2 'polypeptide(L)' EGRSAG(SEP)IPGRRS P
#
loop_
_chem_comp.id
_chem_comp.type
_chem_comp.name
_chem_comp.formula
CL non-polymer 'CHLORIDE ION' 'Cl -1'
GOL non-polymer GLYCEROL 'C3 H8 O3'
MG non-polymer 'MAGNESIUM ION' 'Mg 2'
V0W non-polymer 1-methyl-4-(4-methylphenyl)sulfonyl-1,4-diazepane 'C13 H20 N2 O2 S'
#
# COMPACT_ATOMS: atom_id res chain seq x y z
N MET A 3 -17.75 -4.81 14.59
CA MET A 3 -18.62 -5.57 13.71
C MET A 3 -18.74 -6.97 14.24
N GLY A 4 -18.56 -7.12 15.55
CA GLY A 4 -18.47 -8.43 16.16
C GLY A 4 -19.72 -9.28 16.04
N SER A 5 -20.89 -8.65 15.87
N SER A 5 -20.88 -8.65 15.86
CA SER A 5 -22.13 -9.42 15.76
CA SER A 5 -22.14 -9.38 15.75
C SER A 5 -22.47 -9.83 14.33
C SER A 5 -22.47 -9.83 14.34
N MET A 6 -21.73 -9.39 13.34
CA MET A 6 -22.02 -9.72 11.95
C MET A 6 -21.19 -10.91 11.49
N GLU A 7 -21.83 -11.81 10.75
CA GLU A 7 -21.12 -12.95 10.19
C GLU A 7 -19.96 -12.53 9.29
N ARG A 8 -18.88 -13.31 9.34
CA ARG A 8 -17.74 -13.08 8.45
C ARG A 8 -18.17 -12.99 6.99
N ALA A 9 -18.99 -13.94 6.53
CA ALA A 9 -19.37 -13.96 5.11
C ALA A 9 -20.19 -12.72 4.77
N SER A 10 -20.98 -12.23 5.72
CA SER A 10 -21.79 -11.04 5.49
C SER A 10 -20.93 -9.78 5.42
N LEU A 11 -19.90 -9.72 6.26
CA LEU A 11 -18.96 -8.60 6.19
C LEU A 11 -18.26 -8.56 4.84
N ILE A 12 -17.85 -9.72 4.34
CA ILE A 12 -17.21 -9.78 3.02
C ILE A 12 -18.18 -9.36 1.93
N GLN A 13 -19.41 -9.87 1.97
CA GLN A 13 -20.41 -9.47 0.99
C GLN A 13 -20.66 -7.96 1.03
N LYS A 14 -20.81 -7.40 2.22
CA LYS A 14 -21.04 -5.96 2.33
C LYS A 14 -19.83 -5.16 1.89
N ALA A 15 -18.61 -5.67 2.09
CA ALA A 15 -17.45 -4.95 1.59
C ALA A 15 -17.50 -4.86 0.06
N LYS A 16 -17.96 -5.93 -0.59
CA LYS A 16 -18.07 -5.88 -2.05
C LYS A 16 -19.14 -4.90 -2.49
N LEU A 17 -20.27 -4.87 -1.77
CA LEU A 17 -21.33 -3.90 -2.09
C LEU A 17 -20.84 -2.48 -1.85
N ALA A 18 -20.13 -2.26 -0.75
CA ALA A 18 -19.63 -0.93 -0.44
C ALA A 18 -18.66 -0.46 -1.53
N GLU A 19 -17.84 -1.38 -2.06
CA GLU A 19 -17.00 -1.00 -3.19
C GLU A 19 -17.84 -0.54 -4.38
N GLN A 20 -18.89 -1.29 -4.72
CA GLN A 20 -19.74 -0.90 -5.85
C GLN A 20 -20.39 0.45 -5.62
N ALA A 21 -20.74 0.75 -4.36
CA ALA A 21 -21.39 2.00 -4.01
C ALA A 21 -20.41 3.14 -3.77
N GLU A 22 -19.11 2.87 -3.95
CA GLU A 22 -18.04 3.83 -3.68
C GLU A 22 -18.08 4.39 -2.24
N ARG A 23 -18.39 3.51 -1.30
CA ARG A 23 -18.44 3.82 0.12
C ARG A 23 -17.22 3.18 0.77
N TYR A 24 -16.08 3.84 0.62
CA TYR A 24 -14.81 3.19 0.96
C TYR A 24 -14.56 3.15 2.46
N GLU A 25 -15.03 4.13 3.21
N GLU A 25 -15.02 4.14 3.21
CA GLU A 25 -14.93 4.03 4.67
CA GLU A 25 -14.96 4.05 4.67
C GLU A 25 -15.73 2.83 5.18
C GLU A 25 -15.73 2.84 5.17
N ASP A 26 -16.95 2.63 4.67
CA ASP A 26 -17.71 1.45 5.03
C ASP A 26 -16.96 0.19 4.65
N MET A 27 -16.42 0.16 3.43
CA MET A 27 -15.67 -0.99 2.93
C MET A 27 -14.54 -1.36 3.86
N ALA A 28 -13.79 -0.35 4.32
CA ALA A 28 -12.69 -0.58 5.24
C ALA A 28 -13.19 -1.10 6.58
N ALA A 29 -14.30 -0.55 7.08
CA ALA A 29 -14.83 -1.02 8.36
C ALA A 29 -15.31 -2.47 8.27
N PHE A 30 -15.94 -2.84 7.16
CA PHE A 30 -16.37 -4.22 6.97
C PHE A 30 -15.16 -5.16 6.90
N MET A 31 -14.11 -4.77 6.16
CA MET A 31 -12.94 -5.64 6.05
C MET A 31 -12.15 -5.72 7.36
N LYS A 32 -12.06 -4.61 8.13
CA LYS A 32 -11.51 -4.69 9.48
C LYS A 32 -12.26 -5.70 10.33
N GLY A 33 -13.60 -5.63 10.30
CA GLY A 33 -14.40 -6.63 11.02
C GLY A 33 -14.10 -8.03 10.55
N ALA A 34 -13.94 -8.22 9.24
CA ALA A 34 -13.65 -9.57 8.74
C ALA A 34 -12.29 -10.06 9.25
N VAL A 35 -11.28 -9.20 9.23
CA VAL A 35 -9.97 -9.60 9.73
C VAL A 35 -10.07 -9.99 11.20
N GLU A 36 -10.82 -9.20 11.98
CA GLU A 36 -10.90 -9.45 13.42
C GLU A 36 -11.67 -10.71 13.76
N LYS A 37 -12.30 -11.37 12.79
CA LYS A 37 -12.83 -12.70 13.05
C LYS A 37 -11.73 -13.72 13.33
N GLY A 38 -10.50 -13.43 12.96
CA GLY A 38 -9.39 -14.26 13.35
C GLY A 38 -8.95 -15.30 12.34
N GLU A 39 -9.73 -15.51 11.29
N GLU A 39 -9.72 -15.51 11.29
CA GLU A 39 -9.35 -16.45 10.25
CA GLU A 39 -9.36 -16.46 10.25
C GLU A 39 -8.43 -15.78 9.24
C GLU A 39 -8.44 -15.79 9.22
N GLU A 40 -7.56 -16.58 8.64
CA GLU A 40 -6.74 -16.10 7.54
C GLU A 40 -7.63 -15.63 6.37
N LEU A 41 -7.08 -14.78 5.52
CA LEU A 41 -7.81 -14.21 4.38
C LEU A 41 -7.39 -14.90 3.09
N SER A 42 -8.36 -15.16 2.24
CA SER A 42 -8.07 -15.65 0.90
C SER A 42 -7.46 -14.53 0.05
N CSO A 43 -7.02 -14.87 -1.17
N CSO A 43 -6.99 -14.88 -1.15
CA CSO A 43 -6.42 -13.88 -2.06
CA CSO A 43 -6.43 -13.91 -2.08
CB CSO A 43 -5.87 -14.56 -3.32
CB CSO A 43 -6.02 -14.64 -3.39
SG CSO A 43 -5.46 -13.35 -4.60
SG CSO A 43 -5.31 -13.51 -4.62
C CSO A 43 -7.42 -12.77 -2.40
C CSO A 43 -7.43 -12.77 -2.36
O CSO A 43 -7.08 -11.58 -2.37
O CSO A 43 -7.10 -11.59 -2.25
OD CSO A 43 -3.84 -12.66 -4.30
OD CSO A 43 -6.62 -12.81 -5.61
N GLU A 44 -8.67 -13.14 -2.69
CA GLU A 44 -9.69 -12.14 -2.97
C GLU A 44 -9.97 -11.24 -1.76
N GLU A 45 -10.02 -11.85 -0.57
CA GLU A 45 -10.29 -11.08 0.64
C GLU A 45 -9.12 -10.13 0.96
N ARG A 46 -7.87 -10.57 0.76
CA ARG A 46 -6.72 -9.68 0.95
C ARG A 46 -6.83 -8.49 0.03
N ASN A 47 -7.22 -8.72 -1.23
CA ASN A 47 -7.35 -7.60 -2.16
C ASN A 47 -8.46 -6.65 -1.71
N LEU A 48 -9.59 -7.17 -1.20
CA LEU A 48 -10.64 -6.28 -0.71
C LEU A 48 -10.13 -5.39 0.43
N LEU A 49 -9.41 -5.99 1.38
CA LEU A 49 -8.83 -5.23 2.49
C LEU A 49 -7.92 -4.13 1.97
N SER A 50 -7.02 -4.49 1.05
CA SER A 50 -6.07 -3.53 0.50
C SER A 50 -6.76 -2.42 -0.26
N VAL A 51 -7.74 -2.75 -1.11
CA VAL A 51 -8.43 -1.73 -1.89
C VAL A 51 -9.18 -0.77 -0.98
N ALA A 52 -9.84 -1.30 0.06
CA ALA A 52 -10.61 -0.44 0.96
C ALA A 52 -9.71 0.61 1.58
N TYR A 53 -8.61 0.18 2.18
CA TYR A 53 -7.74 1.10 2.91
C TYR A 53 -6.94 1.99 1.97
N LYS A 54 -6.62 1.53 0.76
CA LYS A 54 -5.88 2.42 -0.15
C LYS A 54 -6.76 3.56 -0.59
N ASN A 55 -8.05 3.32 -0.76
CA ASN A 55 -8.98 4.39 -1.09
C ASN A 55 -9.13 5.36 0.07
N VAL A 56 -9.29 4.84 1.29
CA VAL A 56 -9.48 5.72 2.44
C VAL A 56 -8.24 6.58 2.63
N VAL A 57 -7.07 5.94 2.70
N VAL A 57 -7.07 5.94 2.75
CA VAL A 57 -5.86 6.72 2.96
CA VAL A 57 -5.84 6.72 2.95
C VAL A 57 -5.50 7.55 1.75
C VAL A 57 -5.56 7.59 1.74
N GLY A 58 -5.88 7.12 0.54
CA GLY A 58 -5.61 7.92 -0.64
C GLY A 58 -6.34 9.26 -0.59
N GLY A 59 -7.59 9.25 -0.16
CA GLY A 59 -8.32 10.49 0.01
C GLY A 59 -7.71 11.37 1.08
N GLN A 60 -7.27 10.77 2.18
CA GLN A 60 -6.63 11.55 3.25
C GLN A 60 -5.32 12.16 2.79
N ARG A 61 -4.53 11.39 2.03
CA ARG A 61 -3.25 11.92 1.55
C ARG A 61 -3.46 13.07 0.57
N ALA A 62 -4.44 12.95 -0.34
CA ALA A 62 -4.73 14.04 -1.26
C ALA A 62 -5.14 15.29 -0.51
N ALA A 63 -5.98 15.15 0.51
CA ALA A 63 -6.40 16.29 1.32
C ALA A 63 -5.23 16.89 2.09
N TRP A 64 -4.39 16.04 2.71
CA TRP A 64 -3.23 16.52 3.41
C TRP A 64 -2.33 17.31 2.48
N ARG A 65 -2.17 16.86 1.24
CA ARG A 65 -1.28 17.58 0.32
C ARG A 65 -1.85 18.94 -0.04
N VAL A 66 -3.17 19.03 -0.23
CA VAL A 66 -3.80 20.31 -0.53
C VAL A 66 -3.57 21.29 0.62
N LEU A 67 -3.82 20.83 1.84
CA LEU A 67 -3.71 21.69 3.01
C LEU A 67 -2.26 22.06 3.29
N SER A 68 -1.34 21.10 3.12
N SER A 68 -1.33 21.10 3.15
CA SER A 68 0.08 21.39 3.33
CA SER A 68 0.09 21.41 3.34
C SER A 68 0.57 22.44 2.34
C SER A 68 0.56 22.46 2.35
N SER A 69 0.07 22.40 1.12
CA SER A 69 0.47 23.39 0.12
C SER A 69 -0.03 24.78 0.49
N ILE A 70 -1.30 24.86 0.88
CA ILE A 70 -1.85 26.13 1.34
C ILE A 70 -1.06 26.65 2.54
N GLU A 71 -0.70 25.76 3.46
CA GLU A 71 -0.01 26.18 4.68
C GLU A 71 1.39 26.69 4.38
N GLN A 72 2.07 26.05 3.43
CA GLN A 72 3.41 26.50 3.05
C GLN A 72 3.35 27.86 2.37
N LYS A 73 2.35 28.09 1.53
CA LYS A 73 2.17 29.40 0.92
C LYS A 73 1.86 30.47 1.96
N SER A 74 1.11 30.10 3.00
CA SER A 74 0.78 31.05 4.06
C SER A 74 1.99 31.44 4.90
N ASN A 75 3.08 30.68 4.83
CA ASN A 75 4.28 30.99 5.59
C ASN A 75 5.43 31.39 4.67
N GLY A 83 -4.12 33.33 10.13
CA GLY A 83 -4.44 32.74 11.42
C GLY A 83 -3.99 31.30 11.55
N PRO A 84 -4.35 30.66 12.67
CA PRO A 84 -3.94 29.26 12.88
C PRO A 84 -4.77 28.24 12.13
N GLU A 85 -5.80 28.65 11.39
CA GLU A 85 -6.80 27.69 10.90
C GLU A 85 -6.22 26.68 9.93
N VAL A 86 -5.33 27.10 9.02
CA VAL A 86 -4.83 26.17 8.03
C VAL A 86 -3.98 25.10 8.70
N ARG A 87 -3.05 25.52 9.57
CA ARG A 87 -2.27 24.54 10.32
C ARG A 87 -3.15 23.65 11.17
N GLU A 88 -4.14 24.23 11.86
CA GLU A 88 -5.01 23.43 12.69
C GLU A 88 -5.72 22.36 11.88
N TYR A 89 -6.22 22.73 10.71
CA TYR A 89 -6.99 21.78 9.90
C TYR A 89 -6.05 20.74 9.26
N ARG A 90 -4.87 21.17 8.79
CA ARG A 90 -3.88 20.20 8.30
C ARG A 90 -3.53 19.19 9.38
N GLU A 91 -3.34 19.65 10.61
CA GLU A 91 -3.03 18.77 11.73
C GLU A 91 -4.17 17.78 11.99
N LYS A 92 -5.42 18.23 11.87
N LYS A 92 -5.41 18.23 11.88
CA LYS A 92 -6.56 17.36 12.08
CA LYS A 92 -6.56 17.36 12.09
C LYS A 92 -6.57 16.25 11.05
C LYS A 92 -6.58 16.24 11.04
N VAL A 93 -6.43 16.61 9.78
CA VAL A 93 -6.38 15.61 8.71
C VAL A 93 -5.19 14.68 8.91
N GLU A 94 -4.04 15.22 9.30
CA GLU A 94 -2.86 14.40 9.51
C GLU A 94 -3.09 13.38 10.62
N THR A 95 -3.73 13.78 11.71
CA THR A 95 -3.98 12.85 12.80
C THR A 95 -4.93 11.75 12.36
N GLU A 96 -5.92 12.10 11.53
N GLU A 96 -5.92 12.11 11.55
CA GLU A 96 -6.86 11.08 11.05
CA GLU A 96 -6.86 11.11 11.04
C GLU A 96 -6.17 10.11 10.11
C GLU A 96 -6.14 10.11 10.14
N LEU A 97 -5.28 10.61 9.25
CA LEU A 97 -4.48 9.74 8.39
C LEU A 97 -3.60 8.82 9.22
N GLN A 98 -2.91 9.37 10.22
CA GLN A 98 -2.06 8.52 11.05
C GLN A 98 -2.90 7.47 11.75
N GLY A 99 -4.12 7.81 12.15
CA GLY A 99 -4.96 6.83 12.81
C GLY A 99 -5.33 5.67 11.90
N VAL A 100 -5.64 5.97 10.63
CA VAL A 100 -5.94 4.89 9.69
C VAL A 100 -4.70 4.03 9.43
N CYS A 101 -3.53 4.64 9.24
CA CYS A 101 -2.33 3.85 9.02
C CYS A 101 -2.04 2.97 10.23
N ASP A 102 -2.21 3.51 11.43
CA ASP A 102 -2.00 2.72 12.63
C ASP A 102 -2.97 1.56 12.72
N THR A 103 -4.22 1.77 12.28
CA THR A 103 -5.20 0.69 12.29
C THR A 103 -4.78 -0.44 11.36
N VAL A 104 -4.38 -0.10 10.13
CA VAL A 104 -3.93 -1.13 9.16
C VAL A 104 -2.71 -1.86 9.70
N LEU A 105 -1.72 -1.09 10.18
CA LEU A 105 -0.53 -1.71 10.73
C LEU A 105 -0.88 -2.62 11.90
N GLY A 106 -1.88 -2.23 12.70
CA GLY A 106 -2.30 -3.07 13.81
C GLY A 106 -2.92 -4.38 13.33
N LEU A 107 -3.71 -4.34 12.25
CA LEU A 107 -4.27 -5.57 11.72
C LEU A 107 -3.16 -6.48 11.19
N LEU A 108 -2.16 -5.89 10.53
CA LEU A 108 -1.06 -6.70 10.02
C LEU A 108 -0.28 -7.34 11.17
N ASP A 109 -0.10 -6.62 12.28
CA ASP A 109 0.63 -7.16 13.41
C ASP A 109 -0.22 -8.08 14.29
N SER A 110 -1.55 -7.96 14.22
CA SER A 110 -2.45 -8.75 15.08
C SER A 110 -3.63 -9.26 14.27
N HIS A 111 -3.44 -10.35 13.52
CA HIS A 111 -2.22 -11.17 13.50
C HIS A 111 -1.96 -11.66 12.09
N LEU A 112 -2.20 -10.82 11.08
CA LEU A 112 -2.17 -11.29 9.70
C LEU A 112 -0.78 -11.80 9.30
N ILE A 113 0.27 -11.05 9.62
CA ILE A 113 1.60 -11.42 9.13
C ILE A 113 2.07 -12.71 9.79
N LYS A 114 1.92 -12.83 11.11
CA LYS A 114 2.47 -14.00 11.77
C LYS A 114 1.80 -15.30 11.34
N GLU A 115 0.56 -15.25 10.87
CA GLU A 115 -0.08 -16.45 10.37
C GLU A 115 0.06 -16.61 8.86
N ALA A 116 0.81 -15.76 8.18
CA ALA A 116 0.94 -15.84 6.72
C ALA A 116 2.19 -16.66 6.40
N GLY A 117 1.99 -17.89 5.95
CA GLY A 117 3.10 -18.80 5.70
C GLY A 117 3.40 -19.00 4.23
N ASP A 118 2.39 -18.88 3.37
CA ASP A 118 2.66 -18.94 1.94
C ASP A 118 3.29 -17.66 1.48
N ALA A 119 4.14 -17.76 0.45
CA ALA A 119 4.84 -16.58 -0.04
C ALA A 119 3.87 -15.53 -0.56
N GLU A 120 2.78 -15.95 -1.21
CA GLU A 120 1.85 -14.98 -1.77
C GLU A 120 1.18 -14.16 -0.68
N SER A 121 0.81 -14.77 0.44
CA SER A 121 0.16 -13.97 1.46
C SER A 121 1.19 -13.16 2.24
N ARG A 122 2.34 -13.75 2.54
CA ARG A 122 3.32 -13.06 3.37
C ARG A 122 3.91 -11.85 2.64
N VAL A 123 4.28 -12.04 1.36
CA VAL A 123 4.73 -10.91 0.55
C VAL A 123 3.65 -9.83 0.48
N PHE A 124 2.38 -10.23 0.28
CA PHE A 124 1.30 -9.27 0.17
C PHE A 124 1.22 -8.40 1.42
N TYR A 125 1.25 -9.01 2.60
CA TYR A 125 1.06 -8.26 3.83
C TYR A 125 2.29 -7.42 4.15
N LEU A 126 3.49 -7.90 3.81
CA LEU A 126 4.68 -7.10 4.08
C LEU A 126 4.75 -5.91 3.15
N LYS A 127 4.31 -6.07 1.90
CA LYS A 127 4.17 -4.92 1.02
C LYS A 127 3.22 -3.89 1.61
N MET A 128 2.06 -4.34 2.13
CA MET A 128 1.15 -3.44 2.83
C MET A 128 1.85 -2.73 3.96
N LYS A 129 2.59 -3.47 4.77
CA LYS A 129 3.28 -2.88 5.92
C LYS A 129 4.25 -1.79 5.47
N GLY A 130 5.00 -2.04 4.40
CA GLY A 130 5.87 -1.01 3.84
C GLY A 130 5.09 0.21 3.37
N ASP A 131 3.97 -0.01 2.66
CA ASP A 131 3.18 1.10 2.14
C ASP A 131 2.64 1.99 3.27
N TYR A 132 2.12 1.37 4.35
CA TYR A 132 1.50 2.18 5.40
C TYR A 132 2.54 2.90 6.25
N TYR A 133 3.72 2.29 6.47
CA TYR A 133 4.82 3.06 7.05
C TYR A 133 5.27 4.18 6.11
N ARG A 134 5.25 3.93 4.80
CA ARG A 134 5.59 4.98 3.85
C ARG A 134 4.63 6.17 3.94
N TYR A 135 3.32 5.89 4.09
CA TYR A 135 2.35 6.98 4.25
C TYR A 135 2.58 7.73 5.56
N LEU A 136 2.91 7.02 6.63
CA LEU A 136 3.34 7.70 7.87
C LEU A 136 4.57 8.56 7.63
N ALA A 137 5.53 8.05 6.86
CA ALA A 137 6.75 8.82 6.64
C ALA A 137 6.49 10.08 5.84
N GLU A 138 5.49 10.07 4.95
CA GLU A 138 5.19 11.24 4.14
C GLU A 138 4.82 12.46 4.98
N VAL A 139 4.26 12.24 6.18
CA VAL A 139 3.81 13.33 7.05
C VAL A 139 4.68 13.49 8.29
N ALA A 140 5.69 12.66 8.46
CA ALA A 140 6.46 12.65 9.69
C ALA A 140 7.48 13.78 9.69
N THR A 141 7.70 14.35 10.89
CA THR A 141 8.66 15.45 11.06
C THR A 141 9.46 15.39 12.36
N GLY A 142 9.22 14.43 13.25
CA GLY A 142 9.77 14.50 14.59
C GLY A 142 10.84 13.49 14.94
N ASP A 143 10.91 13.15 16.24
CA ASP A 143 11.98 12.31 16.77
C ASP A 143 11.99 10.91 16.16
N ASP A 144 10.85 10.44 15.64
CA ASP A 144 10.75 9.07 15.15
C ASP A 144 10.69 8.99 13.63
N LYS A 145 10.90 10.10 12.91
CA LYS A 145 10.76 10.08 11.46
C LYS A 145 11.77 9.14 10.81
N LYS A 146 13.01 9.12 11.30
CA LYS A 146 13.98 8.19 10.74
C LYS A 146 13.60 6.75 11.04
N ARG A 147 12.98 6.51 12.21
CA ARG A 147 12.56 5.17 12.57
C ARG A 147 11.37 4.73 11.73
N ILE A 148 10.48 5.67 11.38
CA ILE A 148 9.36 5.33 10.50
C ILE A 148 9.87 4.91 9.13
N ILE A 149 10.80 5.68 8.57
CA ILE A 149 11.41 5.36 7.28
C ILE A 149 12.07 3.99 7.33
N ASP A 150 12.84 3.72 8.39
CA ASP A 150 13.47 2.41 8.48
C ASP A 150 12.48 1.28 8.60
N SER A 151 11.35 1.51 9.27
CA SER A 151 10.32 0.47 9.36
C SER A 151 9.74 0.17 7.99
N ALA A 152 9.49 1.21 7.18
CA ALA A 152 9.03 0.96 5.80
C ALA A 152 10.08 0.17 5.04
N ARG A 153 11.33 0.64 5.07
N ARG A 153 11.34 0.63 5.07
CA ARG A 153 12.40 -0.05 4.34
CA ARG A 153 12.39 -0.04 4.33
C ARG A 153 12.51 -1.50 4.75
C ARG A 153 12.52 -1.50 4.75
N SER A 154 12.48 -1.77 6.05
CA SER A 154 12.65 -3.13 6.54
C SER A 154 11.52 -4.04 6.05
N ALA A 155 10.28 -3.55 6.06
CA ALA A 155 9.17 -4.36 5.59
C ALA A 155 9.29 -4.65 4.10
N TYR A 156 9.58 -3.60 3.31
CA TYR A 156 9.74 -3.81 1.88
C TYR A 156 10.89 -4.76 1.59
N GLN A 157 11.98 -4.63 2.35
CA GLN A 157 13.15 -5.47 2.08
C GLN A 157 12.86 -6.94 2.35
N GLU A 158 12.17 -7.25 3.46
CA GLU A 158 11.83 -8.64 3.72
C GLU A 158 10.90 -9.18 2.64
N ALA A 159 9.94 -8.36 2.21
CA ALA A 159 9.04 -8.77 1.12
C ALA A 159 9.83 -9.03 -0.15
N MET A 160 10.81 -8.16 -0.44
CA MET A 160 11.63 -8.33 -1.64
C MET A 160 12.41 -9.63 -1.55
N ASP A 161 13.02 -9.90 -0.40
CA ASP A 161 13.83 -11.10 -0.26
C ASP A 161 12.98 -12.35 -0.50
N ILE A 162 11.78 -12.42 0.06
CA ILE A 162 10.91 -13.57 -0.17
C ILE A 162 10.52 -13.65 -1.64
N SER A 163 10.14 -12.52 -2.24
CA SER A 163 9.60 -12.55 -3.61
C SER A 163 10.65 -13.01 -4.61
N LYS A 164 11.90 -12.62 -4.41
CA LYS A 164 12.96 -13.06 -5.32
C LYS A 164 13.22 -14.56 -5.19
N LYS A 165 13.05 -15.11 -3.98
CA LYS A 165 13.26 -16.54 -3.79
C LYS A 165 12.07 -17.38 -4.24
N GLU A 166 10.84 -16.87 -4.09
CA GLU A 166 9.65 -17.71 -4.16
C GLU A 166 8.69 -17.40 -5.30
N MET A 167 8.90 -16.33 -6.06
CA MET A 167 7.94 -15.97 -7.10
C MET A 167 8.69 -15.72 -8.41
N PRO A 168 8.06 -16.01 -9.54
CA PRO A 168 8.67 -15.65 -10.83
C PRO A 168 8.73 -14.14 -10.98
N PRO A 169 9.62 -13.64 -11.85
CA PRO A 169 9.80 -12.19 -11.98
C PRO A 169 8.60 -11.47 -12.55
N THR A 170 7.64 -12.19 -13.13
CA THR A 170 6.43 -11.56 -13.66
C THR A 170 5.27 -11.58 -12.67
N ASN A 171 5.43 -12.17 -11.50
CA ASN A 171 4.31 -12.25 -10.57
C ASN A 171 3.81 -10.83 -10.25
N PRO A 172 2.52 -10.54 -10.42
CA PRO A 172 2.04 -9.18 -10.22
C PRO A 172 2.28 -8.62 -8.82
N ILE A 173 2.24 -9.45 -7.78
CA ILE A 173 2.55 -8.94 -6.45
C ILE A 173 4.02 -8.57 -6.35
N ARG A 174 4.89 -9.45 -6.85
CA ARG A 174 6.31 -9.12 -6.91
C ARG A 174 6.56 -7.83 -7.67
N LEU A 175 5.90 -7.66 -8.82
CA LEU A 175 6.06 -6.44 -9.61
C LEU A 175 5.55 -5.20 -8.87
N GLY A 176 4.38 -5.28 -8.24
CA GLY A 176 3.86 -4.11 -7.55
C GLY A 176 4.69 -3.75 -6.34
N LEU A 177 5.22 -4.77 -5.64
CA LEU A 177 6.13 -4.53 -4.52
C LEU A 177 7.36 -3.78 -4.99
N ALA A 178 7.97 -4.23 -6.08
CA ALA A 178 9.16 -3.55 -6.61
C ALA A 178 8.81 -2.12 -7.05
N LEU A 179 7.67 -1.92 -7.70
CA LEU A 179 7.25 -0.57 -8.06
C LEU A 179 7.18 0.32 -6.82
N ASN A 180 6.47 -0.14 -5.78
CA ASN A 180 6.28 0.70 -4.60
C ASN A 180 7.58 0.92 -3.83
N PHE A 181 8.44 -0.10 -3.77
CA PHE A 181 9.74 0.06 -3.12
C PHE A 181 10.59 1.06 -3.88
N SER A 182 10.49 1.05 -5.23
CA SER A 182 11.22 2.07 -6.01
C SER A 182 10.69 3.47 -5.72
N VAL A 183 9.38 3.62 -5.54
CA VAL A 183 8.82 4.92 -5.17
C VAL A 183 9.30 5.33 -3.79
N PHE A 184 9.32 4.39 -2.84
CA PHE A 184 9.93 4.64 -1.54
C PHE A 184 11.35 5.21 -1.68
N HIS A 185 12.18 4.56 -2.51
CA HIS A 185 13.56 5.02 -2.65
C HIS A 185 13.61 6.42 -3.21
N TYR A 186 12.79 6.69 -4.23
CA TYR A 186 12.81 7.97 -4.91
C TYR A 186 12.24 9.09 -4.03
N GLU A 187 11.08 8.85 -3.42
CA GLU A 187 10.30 9.92 -2.78
C GLU A 187 10.58 10.08 -1.30
N ILE A 188 10.99 9.01 -0.62
CA ILE A 188 11.13 9.01 0.83
C ILE A 188 12.60 8.94 1.25
N ALA A 189 13.36 8.03 0.65
CA ALA A 189 14.72 7.75 1.09
C ALA A 189 15.76 8.60 0.38
N ASN A 190 15.34 9.48 -0.54
N ASN A 190 15.34 9.48 -0.54
CA ASN A 190 16.28 10.34 -1.25
CA ASN A 190 16.28 10.35 -1.26
C ASN A 190 17.36 9.52 -1.96
C ASN A 190 17.36 9.54 -1.99
N SER A 191 16.95 8.39 -2.56
CA SER A 191 17.84 7.50 -3.27
C SER A 191 17.32 7.32 -4.70
N PRO A 192 17.33 8.37 -5.52
CA PRO A 192 16.82 8.21 -6.89
C PRO A 192 17.59 7.19 -7.72
N GLU A 193 18.90 7.02 -7.51
CA GLU A 193 19.62 6.05 -8.34
C GLU A 193 19.20 4.63 -7.98
N GLU A 194 18.96 4.36 -6.69
CA GLU A 194 18.45 3.05 -6.28
C GLU A 194 17.06 2.81 -6.85
N ALA A 195 16.22 3.85 -6.84
CA ALA A 195 14.88 3.73 -7.42
C ALA A 195 14.95 3.34 -8.89
N ILE A 196 15.81 4.03 -9.64
CA ILE A 196 15.93 3.78 -11.08
C ILE A 196 16.48 2.39 -11.33
N SER A 197 17.52 2.00 -10.59
CA SER A 197 18.11 0.68 -10.79
C SER A 197 17.12 -0.43 -10.46
N LEU A 198 16.37 -0.28 -9.37
CA LEU A 198 15.36 -1.28 -9.04
C LEU A 198 14.29 -1.35 -10.12
N ALA A 199 13.80 -0.21 -10.60
CA ALA A 199 12.75 -0.24 -11.61
C ALA A 199 13.25 -0.87 -12.91
N LYS A 200 14.49 -0.53 -13.33
CA LYS A 200 15.04 -1.07 -14.58
C LYS A 200 15.26 -2.58 -14.47
N THR A 201 15.90 -3.03 -13.39
CA THR A 201 16.16 -4.47 -13.24
C THR A 201 14.85 -5.24 -13.14
N THR A 202 13.87 -4.70 -12.41
CA THR A 202 12.58 -5.37 -12.33
C THR A 202 11.93 -5.49 -13.70
N PHE A 203 11.93 -4.40 -14.46
CA PHE A 203 11.30 -4.41 -15.78
C PHE A 203 11.98 -5.42 -16.70
N ASP A 204 13.31 -5.41 -16.74
CA ASP A 204 14.05 -6.28 -17.64
C ASP A 204 13.88 -7.75 -17.29
N GLU A 205 13.91 -8.08 -16.00
CA GLU A 205 13.72 -9.47 -15.62
C GLU A 205 12.30 -9.95 -15.90
N ALA A 206 11.33 -9.05 -15.78
CA ALA A 206 9.97 -9.43 -16.13
C ALA A 206 9.83 -9.65 -17.65
N MET A 207 10.35 -8.72 -18.45
CA MET A 207 10.32 -8.87 -19.91
C MET A 207 10.80 -10.25 -20.35
N ALA A 208 11.90 -10.70 -19.77
CA ALA A 208 12.54 -11.95 -20.16
C ALA A 208 11.75 -13.17 -19.72
N ASP A 209 10.74 -13.00 -18.86
CA ASP A 209 9.93 -14.10 -18.37
C ASP A 209 8.52 -14.12 -18.97
N LEU A 210 8.17 -13.10 -19.76
CA LEU A 210 6.83 -13.02 -20.35
C LEU A 210 6.51 -14.21 -21.24
N HIS A 211 7.51 -14.80 -21.90
CA HIS A 211 7.26 -15.91 -22.81
C HIS A 211 6.60 -17.11 -22.13
N THR A 212 6.68 -17.20 -20.80
CA THR A 212 6.14 -18.34 -20.05
C THR A 212 4.66 -18.21 -19.73
N LEU A 213 4.03 -17.07 -20.03
CA LEU A 213 2.74 -16.72 -19.49
C LEU A 213 1.62 -16.99 -20.49
N SER A 214 0.43 -17.26 -19.95
CA SER A 214 -0.79 -17.25 -20.73
C SER A 214 -1.14 -15.81 -21.11
N GLU A 215 -2.14 -15.69 -21.99
CA GLU A 215 -2.60 -14.38 -22.42
C GLU A 215 -3.09 -13.55 -21.24
N ASP A 216 -3.83 -14.15 -20.31
CA ASP A 216 -4.37 -13.39 -19.19
C ASP A 216 -3.27 -12.96 -18.21
N SER A 217 -2.33 -13.85 -17.91
CA SER A 217 -1.22 -13.50 -17.03
C SER A 217 -0.33 -12.45 -17.67
N TYR A 218 -0.12 -12.56 -18.99
CA TYR A 218 0.64 -11.57 -19.73
C TYR A 218 0.04 -10.18 -19.56
N LYS A 219 -1.29 -10.06 -19.67
CA LYS A 219 -1.93 -8.77 -19.47
C LYS A 219 -1.70 -8.26 -18.05
N ASP A 220 -1.82 -9.14 -17.04
CA ASP A 220 -1.64 -8.70 -15.66
C ASP A 220 -0.23 -8.16 -15.47
N SER A 221 0.77 -8.89 -15.95
CA SER A 221 2.16 -8.49 -15.72
C SER A 221 2.54 -7.25 -16.52
N THR A 222 2.11 -7.17 -17.78
CA THR A 222 2.52 -6.03 -18.59
C THR A 222 1.88 -4.75 -18.13
N LEU A 223 0.70 -4.81 -17.49
CA LEU A 223 0.12 -3.58 -16.96
C LEU A 223 1.04 -2.95 -15.92
N ILE A 224 1.57 -3.75 -14.99
CA ILE A 224 2.45 -3.19 -13.96
C ILE A 224 3.80 -2.81 -14.55
N MET A 225 4.27 -3.56 -15.55
CA MET A 225 5.54 -3.23 -16.18
C MET A 225 5.46 -1.84 -16.79
N GLN A 226 4.27 -1.47 -17.31
CA GLN A 226 4.10 -0.15 -17.90
C GLN A 226 4.20 0.94 -16.84
N LEU A 227 3.69 0.66 -15.64
CA LEU A 227 3.88 1.60 -14.53
C LEU A 227 5.36 1.78 -14.20
N LEU A 228 6.15 0.69 -14.21
CA LEU A 228 7.58 0.82 -14.02
C LEU A 228 8.20 1.71 -15.09
N ARG A 229 7.85 1.47 -16.36
CA ARG A 229 8.37 2.28 -17.45
C ARG A 229 7.95 3.73 -17.31
N ASP A 230 6.70 3.97 -16.90
CA ASP A 230 6.25 5.35 -16.72
C ASP A 230 7.10 6.09 -15.71
N ASN A 231 7.45 5.43 -14.61
CA ASN A 231 8.29 6.10 -13.63
C ASN A 231 9.69 6.32 -14.19
N LEU A 232 10.24 5.32 -14.87
CA LEU A 232 11.56 5.48 -15.45
C LEU A 232 11.59 6.65 -16.42
N THR A 233 10.52 6.82 -17.20
CA THR A 233 10.46 7.93 -18.15
C THR A 233 10.52 9.27 -17.41
N LEU A 234 9.83 9.36 -16.27
CA LEU A 234 9.82 10.60 -15.51
C LEU A 234 11.13 10.82 -14.76
N TRP A 235 11.82 9.76 -14.37
CA TRP A 235 13.02 9.87 -13.55
C TRP A 235 14.31 9.98 -14.36
N THR A 236 14.28 9.64 -15.64
CA THR A 236 15.46 9.65 -16.47
C THR A 236 15.26 10.53 -17.70
N ALA B 5 5.86 10.54 -9.85
CA ALA B 5 6.24 9.16 -9.55
C ALA B 5 5.04 8.40 -9.01
N GLY B 6 4.61 7.39 -9.74
CA GLY B 6 3.42 6.65 -9.38
C GLY B 6 3.61 5.30 -8.73
N SEP B 7 2.99 5.11 -7.57
CA SEP B 7 2.89 3.81 -6.94
CB SEP B 7 2.64 3.98 -5.45
OG SEP B 7 1.40 4.67 -5.27
C SEP B 7 1.72 3.04 -7.57
O SEP B 7 1.01 3.59 -8.41
P SEP B 7 1.09 5.20 -3.78
O1P SEP B 7 -0.38 5.81 -3.94
O2P SEP B 7 2.13 6.33 -3.36
O3P SEP B 7 1.12 3.99 -2.77
N ILE B 8 1.53 1.79 -7.17
CA ILE B 8 0.36 1.01 -7.58
C ILE B 8 -0.90 1.78 -7.17
N PRO B 9 -1.79 2.09 -8.12
CA PRO B 9 -3.03 2.77 -7.73
C PRO B 9 -3.80 1.98 -6.69
N GLY B 10 -4.11 0.71 -6.97
CA GLY B 10 -4.58 -0.20 -5.95
C GLY B 10 -5.94 0.16 -5.40
N ARG B 11 -6.77 0.85 -6.18
CA ARG B 11 -8.02 1.41 -5.65
C ARG B 11 -9.25 0.75 -6.26
N ARG B 12 -9.10 -0.28 -7.07
CA ARG B 12 -10.24 -1.02 -7.61
C ARG B 12 -9.94 -2.51 -7.54
N SER B 13 -10.88 -3.28 -7.00
CA SER B 13 -10.67 -4.72 -6.83
C SER B 13 -10.74 -5.44 -8.17
C01 V0W C . 0.40 -3.98 -4.71
C02 V0W C . -0.36 -4.60 -5.88
C03 V0W C . 0.28 -5.41 -6.82
C04 V0W C . -0.46 -5.97 -7.88
C05 V0W C . -1.80 -5.68 -7.94
C09 V0W C . -2.89 -9.09 -8.88
C10 V0W C . -3.48 -9.85 -10.08
C12 V0W C . -5.18 -10.83 -11.06
C13 V0W C . -5.69 -9.21 -9.72
C14 V0W C . -5.82 -8.80 -8.23
C15 V0W C . -4.82 -7.66 -7.85
C17 V0W C . -2.46 -4.88 -7.00
C18 V0W C . -1.73 -4.34 -5.97
N08 V0W C . -3.58 -7.82 -8.62
N11 V0W C . -4.81 -10.22 -9.96
O07 V0W C . -2.00 -6.73 -10.41
O16 V0W C . -3.68 -5.30 -9.76
S06 V0W C . -2.83 -6.38 -9.27
CL CL D . -1.05 -19.87 7.82
MG MG E . -19.87 -17.28 12.24
C1 GOL F . 8.94 -17.71 3.33
O1 GOL F . 8.36 -18.37 2.24
C2 GOL F . 7.79 -17.04 4.07
O2 GOL F . 6.67 -16.88 3.27
C3 GOL F . 7.50 -17.94 5.32
O3 GOL F . 8.13 -17.35 6.42
C1 GOL G . 6.16 -4.25 -21.74
O1 GOL G . 5.62 -5.14 -22.66
C2 GOL G . 5.12 -3.13 -21.51
O2 GOL G . 4.03 -3.58 -20.79
C3 GOL G . 5.87 -2.03 -20.75
O3 GOL G . 5.69 -0.84 -21.46
C1 GOL H . -17.94 6.34 3.24
O1 GOL H . -18.30 4.98 3.22
C2 GOL H . -17.72 6.85 1.80
O2 GOL H . -18.42 8.03 1.63
C3 GOL H . -16.18 7.10 1.67
O3 GOL H . -15.82 6.94 0.31
#